data_5OJH
#
_entry.id   5OJH
#
_cell.length_a   80.444
_cell.length_b   80.444
_cell.length_c   97.529
_cell.angle_alpha   90.00
_cell.angle_beta   90.00
_cell.angle_gamma   120.00
#
_symmetry.space_group_name_H-M   'P 31 2 1'
#
loop_
_entity.id
_entity.type
_entity.pdbx_description
1 polymer 'Cellulose biosynthesis protein BcsG'
2 non-polymer 'ZINC ION'
3 non-polymer 'CITRATE ANION'
4 water water
#
_entity_poly.entity_id   1
_entity_poly.type   'polypeptide(L)'
_entity_poly.pdbx_seq_one_letter_code
;ISEFGSSRAGDKPVIGDMPAQTAPPTTANLNAWLNTFYAAEEKRKTTFPAQLPPDAQPFDLLVINICSLSWSDVEAAGLM
SHPLWSHFDILFKHFNSGTSYSGPAAIRLLRASCGQPSHTRLYQPANNECYLFDNLAKLGFTQHLMMDHNGEFGGFLKEV
RENGGMQSELMNQSGLPTALLSFDGSPVYDDLAVLNRWLTGEEREANSRSATFFNLLPLHDGNHFPGVSKTADYKIRAQK
LFDELDAFFTELEKSGRKVMVVVVPEHGGALKGDRMQISGLRDIPSPSITNVPAGVKFFGMKAPHEGAPIDINQPSSYLA
ISELVVRAVDGKLFTEDSVNWNKLTSNLPQTAPVSENANAVVIQYQGKPYVRLNGGDWVPYPQ
;
_entity_poly.pdbx_strand_id   A
#
loop_
_chem_comp.id
_chem_comp.type
_chem_comp.name
_chem_comp.formula
FLC non-polymer 'CITRATE ANION' 'C6 H5 O7 -3'
ZN non-polymer 'ZINC ION' 'Zn 2'
#
# COMPACT_ATOMS: atom_id res chain seq x y z
N ILE A 1 19.89 -19.68 16.86
CA ILE A 1 20.67 -20.70 17.62
C ILE A 1 21.75 -19.98 18.42
N SER A 2 21.81 -20.23 19.74
CA SER A 2 22.77 -19.54 20.61
C SER A 2 24.18 -20.14 20.47
N GLU A 3 25.16 -19.53 21.14
CA GLU A 3 26.56 -19.90 20.94
C GLU A 3 26.85 -21.39 21.15
N PHE A 4 26.17 -22.00 22.12
CA PHE A 4 26.42 -23.42 22.41
C PHE A 4 25.35 -24.36 21.91
N GLY A 5 24.41 -23.82 21.15
CA GLY A 5 23.44 -24.67 20.44
C GLY A 5 24.04 -25.21 19.15
N SER A 6 23.48 -26.29 18.61
CA SER A 6 23.94 -26.76 17.30
C SER A 6 22.77 -26.74 16.34
N SER A 7 23.10 -26.56 15.07
CA SER A 7 22.13 -26.82 13.99
C SER A 7 22.02 -28.35 13.77
N ARG A 8 21.01 -28.72 12.99
CA ARG A 8 20.79 -30.09 12.57
C ARG A 8 21.70 -30.31 11.39
N ALA A 9 22.27 -32.06 11.02
CA ALA A 9 22.88 -32.28 9.72
C ALA A 9 21.95 -31.77 8.63
N GLY A 10 22.52 -31.15 7.59
CA GLY A 10 21.77 -30.76 6.40
C GLY A 10 20.92 -29.49 6.44
N ASP A 11 20.96 -28.72 7.54
CA ASP A 11 20.11 -27.50 7.68
C ASP A 11 20.26 -26.47 6.57
N GLY A 16 17.62 -14.34 7.86
CA GLY A 16 16.75 -13.39 8.58
C GLY A 16 16.09 -12.42 7.62
N ASP A 17 14.86 -12.00 7.93
CA ASP A 17 14.14 -11.03 7.06
C ASP A 17 14.77 -9.64 7.04
N MET A 18 15.46 -9.30 8.12
CA MET A 18 16.08 -7.99 8.29
C MET A 18 17.54 -8.17 8.73
N PRO A 19 18.49 -7.57 7.98
CA PRO A 19 19.87 -7.82 8.36
C PRO A 19 20.20 -7.19 9.72
N ALA A 20 21.06 -7.88 10.46
CA ALA A 20 21.49 -7.44 11.79
C ALA A 20 22.19 -6.09 11.80
N GLN A 21 22.03 -5.37 12.91
CA GLN A 21 22.68 -4.07 13.11
C GLN A 21 23.51 -4.02 14.35
N THR A 22 24.42 -4.96 14.52
CA THR A 22 25.25 -4.96 15.72
C THR A 22 26.47 -4.02 15.64
N ALA A 23 27.01 -3.83 14.43
CA ALA A 23 28.17 -2.94 14.23
C ALA A 23 27.86 -1.48 14.63
N PRO A 24 28.88 -0.70 15.09
CA PRO A 24 28.63 0.69 15.48
C PRO A 24 28.17 1.56 14.32
N PRO A 25 27.31 2.58 14.58
CA PRO A 25 26.74 3.33 13.45
C PRO A 25 27.65 4.35 12.71
N THR A 26 28.75 3.91 12.15
CA THR A 26 29.61 4.75 11.34
C THR A 26 29.07 4.81 9.94
N THR A 27 29.50 5.76 9.13
CA THR A 27 29.10 5.81 7.71
C THR A 27 29.38 4.51 6.98
N ALA A 28 30.57 3.92 7.20
CA ALA A 28 30.93 2.70 6.49
C ALA A 28 29.99 1.56 6.87
N ASN A 29 29.65 1.45 8.17
CA ASN A 29 28.79 0.39 8.62
C ASN A 29 27.35 0.57 8.15
N LEU A 30 26.89 1.82 8.07
CA LEU A 30 25.51 2.05 7.65
C LEU A 30 25.45 1.82 6.14
N ASN A 31 26.47 2.25 5.40
CA ASN A 31 26.51 1.90 3.95
C ASN A 31 26.54 0.40 3.75
N ALA A 32 27.39 -0.30 4.52
CA ALA A 32 27.43 -1.75 4.39
C ALA A 32 26.08 -2.40 4.73
N TRP A 33 25.41 -1.89 5.76
CA TRP A 33 24.10 -2.40 6.14
C TRP A 33 23.11 -2.25 4.95
N LEU A 34 23.11 -1.08 4.32
CA LEU A 34 22.15 -0.84 3.25
C LEU A 34 22.44 -1.77 2.05
N ASN A 35 23.72 -1.94 1.71
CA ASN A 35 24.05 -2.88 0.66
C ASN A 35 23.64 -4.31 0.99
N THR A 36 23.75 -4.68 2.27
CA THR A 36 23.33 -6.03 2.73
C THR A 36 21.80 -6.18 2.63
N PHE A 37 21.11 -5.10 2.99
CA PHE A 37 19.65 -5.06 2.82
C PHE A 37 19.31 -5.22 1.33
N TYR A 38 19.97 -4.48 0.44
CA TYR A 38 19.63 -4.60 -0.99
C TYR A 38 19.86 -6.02 -1.50
N ALA A 39 20.95 -6.65 -1.05
CA ALA A 39 21.27 -8.02 -1.51
C ALA A 39 20.21 -8.98 -1.01
N ALA A 40 19.82 -8.85 0.26
CA ALA A 40 18.83 -9.76 0.83
C ALA A 40 17.49 -9.56 0.14
N GLU A 41 17.13 -8.31 -0.09
CA GLU A 41 15.82 -8.05 -0.72
C GLU A 41 15.71 -8.59 -2.11
N GLU A 42 16.81 -8.54 -2.88
CA GLU A 42 16.76 -8.92 -4.28
C GLU A 42 16.46 -10.42 -4.48
N LYS A 43 16.72 -11.18 -3.42
CA LYS A 43 16.47 -12.63 -3.44
C LYS A 43 15.04 -13.01 -3.00
N ARG A 44 14.21 -12.01 -2.66
CA ARG A 44 12.90 -12.30 -2.07
C ARG A 44 11.81 -12.20 -3.10
N LYS A 45 10.89 -13.15 -3.06
CA LYS A 45 9.72 -13.08 -3.93
C LYS A 45 8.59 -13.86 -3.31
N THR A 46 7.37 -13.47 -3.63
CA THR A 46 6.25 -14.29 -3.21
CA THR A 46 6.19 -14.24 -3.29
C THR A 46 5.92 -15.15 -4.44
N THR A 47 6.00 -16.47 -4.25
CA THR A 47 5.77 -17.36 -5.40
C THR A 47 4.26 -17.62 -5.61
N PHE A 48 3.77 -17.26 -6.78
CA PHE A 48 2.37 -17.58 -7.19
C PHE A 48 2.31 -18.96 -7.79
N PRO A 49 1.16 -19.66 -7.60
CA PRO A 49 1.01 -20.95 -8.27
C PRO A 49 1.06 -20.83 -9.78
N ALA A 50 1.43 -21.93 -10.42
CA ALA A 50 1.53 -22.00 -11.86
C ALA A 50 0.15 -21.80 -12.54
N GLN A 51 -0.88 -22.42 -11.97
CA GLN A 51 -2.27 -22.19 -12.38
C GLN A 51 -3.14 -22.35 -11.14
N LEU A 52 -4.39 -21.90 -11.19
CA LEU A 52 -5.29 -22.12 -10.06
C LEU A 52 -5.83 -23.54 -10.12
N PRO A 53 -6.07 -24.17 -8.96
CA PRO A 53 -6.67 -25.51 -8.94
C PRO A 53 -8.10 -25.46 -9.50
N PRO A 54 -8.61 -26.61 -10.01
CA PRO A 54 -9.93 -26.56 -10.62
C PRO A 54 -11.06 -26.21 -9.64
N ASP A 55 -10.87 -26.45 -8.34
CA ASP A 55 -11.86 -26.03 -7.32
C ASP A 55 -11.60 -24.62 -6.71
N ALA A 56 -10.77 -23.81 -7.37
CA ALA A 56 -10.55 -22.44 -6.90
C ALA A 56 -11.87 -21.64 -6.94
N GLN A 57 -11.97 -20.68 -6.03
CA GLN A 57 -13.15 -19.84 -5.92
CA GLN A 57 -13.16 -19.84 -5.91
C GLN A 57 -12.87 -18.42 -6.41
N PRO A 58 -13.67 -17.90 -7.38
CA PRO A 58 -13.46 -16.55 -7.85
C PRO A 58 -13.72 -15.50 -6.77
N PHE A 59 -12.94 -14.44 -6.81
CA PHE A 59 -13.20 -13.28 -5.96
C PHE A 59 -12.55 -12.06 -6.63
N ASP A 60 -12.83 -10.87 -6.08
CA ASP A 60 -12.26 -9.62 -6.59
C ASP A 60 -11.28 -9.06 -5.58
N LEU A 61 -10.11 -8.67 -6.06
CA LEU A 61 -9.14 -7.89 -5.27
C LEU A 61 -9.30 -6.42 -5.59
N LEU A 62 -9.38 -5.59 -4.56
CA LEU A 62 -9.45 -4.11 -4.78
C LEU A 62 -8.37 -3.48 -3.93
N VAL A 63 -7.40 -2.84 -4.59
CA VAL A 63 -6.30 -2.18 -3.87
C VAL A 63 -6.57 -0.69 -3.87
N ILE A 64 -6.66 -0.09 -2.67
CA ILE A 64 -7.05 1.31 -2.54
C ILE A 64 -5.76 2.05 -2.09
N ASN A 65 -5.16 2.79 -3.03
CA ASN A 65 -3.83 3.38 -2.82
C ASN A 65 -4.03 4.89 -2.63
N ILE A 66 -3.77 5.38 -1.42
CA ILE A 66 -4.18 6.73 -1.01
C ILE A 66 -2.99 7.65 -0.87
N CYS A 67 -3.02 8.74 -1.63
CA CYS A 67 -1.95 9.73 -1.50
C CYS A 67 -2.03 10.46 -0.15
N SER A 68 -0.87 10.76 0.45
CA SER A 68 -0.79 11.76 1.53
C SER A 68 -1.54 11.33 2.81
N LEU A 69 -1.27 10.11 3.26
CA LEU A 69 -1.89 9.56 4.48
C LEU A 69 -0.89 8.71 5.24
N SER A 70 -0.38 9.23 6.35
CA SER A 70 0.44 8.43 7.28
C SER A 70 -0.20 8.36 8.64
N TRP A 71 0.35 7.49 9.49
CA TRP A 71 -0.14 7.47 10.87
C TRP A 71 0.05 8.79 11.58
N SER A 72 1.19 9.46 11.31
CA SER A 72 1.40 10.78 11.89
CA SER A 72 1.40 10.79 11.89
C SER A 72 0.31 11.77 11.47
N ASP A 73 -0.11 11.69 10.19
CA ASP A 73 -1.19 12.57 9.76
C ASP A 73 -2.49 12.26 10.48
N VAL A 74 -2.78 10.96 10.63
CA VAL A 74 -4.02 10.55 11.33
C VAL A 74 -4.00 11.07 12.77
N GLU A 75 -2.83 10.99 13.40
CA GLU A 75 -2.69 11.49 14.78
CA GLU A 75 -2.67 11.48 14.78
C GLU A 75 -2.86 13.01 14.84
N ALA A 76 -2.19 13.72 13.94
CA ALA A 76 -2.27 15.18 13.94
C ALA A 76 -3.67 15.66 13.59
N ALA A 77 -4.37 14.90 12.75
CA ALA A 77 -5.72 15.26 12.37
C ALA A 77 -6.78 14.87 13.43
N GLY A 78 -6.35 14.15 14.46
CA GLY A 78 -7.29 13.66 15.49
C GLY A 78 -8.23 12.59 15.03
N LEU A 79 -7.78 11.73 14.11
CA LEU A 79 -8.66 10.73 13.51
C LEU A 79 -8.31 9.27 13.86
N MET A 80 -7.54 9.04 14.93
CA MET A 80 -7.21 7.67 15.33
C MET A 80 -8.40 6.84 15.75
N SER A 81 -9.47 7.49 16.23
CA SER A 81 -10.68 6.79 16.66
CA SER A 81 -10.67 6.79 16.66
C SER A 81 -11.75 6.69 15.58
N HIS A 82 -11.44 7.11 14.37
CA HIS A 82 -12.42 6.97 13.30
C HIS A 82 -12.82 5.49 13.16
N PRO A 83 -14.12 5.20 13.04
CA PRO A 83 -14.56 3.80 13.00
C PRO A 83 -13.90 2.95 11.90
N LEU A 84 -13.38 3.59 10.83
CA LEU A 84 -12.81 2.83 9.72
C LEU A 84 -11.70 1.89 10.21
N TRP A 85 -10.86 2.35 11.13
CA TRP A 85 -9.70 1.53 11.52
C TRP A 85 -10.13 0.25 12.19
N SER A 86 -11.27 0.30 12.88
CA SER A 86 -11.81 -0.85 13.61
CA SER A 86 -11.74 -0.87 13.62
C SER A 86 -12.44 -1.86 12.69
N HIS A 87 -12.65 -1.48 11.44
CA HIS A 87 -13.39 -2.32 10.51
C HIS A 87 -12.55 -3.26 9.68
N PHE A 88 -11.24 -3.09 9.72
CA PHE A 88 -10.37 -4.02 8.99
C PHE A 88 -10.29 -5.38 9.68
N ASP A 89 -9.93 -6.40 8.92
CA ASP A 89 -9.58 -7.67 9.49
C ASP A 89 -8.15 -7.69 9.95
N ILE A 90 -7.27 -6.99 9.23
CA ILE A 90 -5.84 -7.01 9.49
C ILE A 90 -5.38 -5.56 9.38
N LEU A 91 -4.62 -5.11 10.37
CA LEU A 91 -4.19 -3.71 10.36
C LEU A 91 -2.71 -3.62 10.69
N PHE A 92 -1.93 -3.03 9.78
CA PHE A 92 -0.49 -2.91 10.00
C PHE A 92 -0.15 -1.65 10.77
N LYS A 93 0.71 -1.80 11.80
CA LYS A 93 1.09 -0.67 12.61
C LYS A 93 2.52 -0.16 12.35
N HIS A 94 3.31 -0.95 11.64
CA HIS A 94 4.66 -0.51 11.23
C HIS A 94 4.89 -0.88 9.78
N PHE A 95 3.99 -0.40 8.93
CA PHE A 95 4.13 -0.59 7.49
C PHE A 95 4.86 0.61 6.90
N ASN A 96 5.98 0.36 6.22
CA ASN A 96 6.76 1.42 5.63
C ASN A 96 6.48 1.57 4.15
N SER A 97 6.20 2.81 3.71
CA SER A 97 5.85 3.01 2.30
C SER A 97 7.05 3.07 1.36
N GLY A 98 8.26 3.18 1.90
CA GLY A 98 9.48 3.08 1.09
C GLY A 98 9.89 4.32 0.32
N THR A 99 9.11 5.40 0.44
CA THR A 99 9.32 6.64 -0.36
C THR A 99 8.34 7.68 0.09
N SER A 100 8.61 8.93 -0.27
CA SER A 100 7.65 10.00 0.05
C SER A 100 7.06 10.69 -1.17
N TYR A 101 7.26 10.12 -2.36
CA TYR A 101 6.66 10.65 -3.58
C TYR A 101 5.68 9.66 -4.18
N SER A 102 4.66 10.19 -4.87
CA SER A 102 3.56 9.34 -5.35
C SER A 102 3.95 8.33 -6.41
N GLY A 103 4.71 8.79 -7.42
CA GLY A 103 5.04 7.88 -8.53
C GLY A 103 5.82 6.67 -8.04
N PRO A 104 6.93 6.90 -7.33
CA PRO A 104 7.69 5.75 -6.81
C PRO A 104 6.87 4.91 -5.86
N ALA A 105 5.93 5.50 -5.11
CA ALA A 105 5.12 4.67 -4.18
C ALA A 105 4.22 3.72 -4.94
N ALA A 106 3.62 4.22 -6.02
CA ALA A 106 2.71 3.41 -6.82
C ALA A 106 3.50 2.32 -7.54
N ILE A 107 4.71 2.64 -8.03
CA ILE A 107 5.52 1.63 -8.70
C ILE A 107 5.93 0.53 -7.67
N ARG A 108 6.35 0.96 -6.47
CA ARG A 108 6.73 -0.03 -5.42
C ARG A 108 5.57 -0.98 -5.11
N LEU A 109 4.36 -0.45 -4.99
CA LEU A 109 3.18 -1.28 -4.73
C LEU A 109 2.87 -2.21 -5.90
N LEU A 110 2.96 -1.69 -7.12
CA LEU A 110 2.71 -2.54 -8.29
C LEU A 110 3.79 -3.63 -8.44
N ARG A 111 4.97 -3.37 -7.86
CA ARG A 111 6.06 -4.38 -7.88
C ARG A 111 6.16 -5.16 -6.54
N ALA A 112 5.02 -5.30 -5.86
CA ALA A 112 5.01 -5.86 -4.49
C ALA A 112 5.47 -7.32 -4.39
N SER A 113 5.51 -8.04 -5.52
CA SER A 113 5.74 -9.49 -5.42
C SER A 113 7.21 -9.89 -5.37
N CYS A 114 8.13 -8.91 -5.45
CA CYS A 114 9.51 -9.20 -5.14
C CYS A 114 9.99 -8.22 -4.05
N GLY A 115 11.18 -8.48 -3.50
CA GLY A 115 11.68 -7.61 -2.45
C GLY A 115 11.97 -6.19 -2.87
N GLN A 116 12.31 -5.39 -1.87
CA GLN A 116 12.36 -3.95 -2.05
C GLN A 116 13.61 -3.54 -2.88
N PRO A 117 13.41 -2.79 -3.99
CA PRO A 117 14.55 -2.31 -4.75
C PRO A 117 15.03 -0.94 -4.35
N SER A 118 16.24 -0.61 -4.76
CA SER A 118 16.67 0.80 -4.70
C SER A 118 15.81 1.68 -5.60
N HIS A 119 15.85 2.99 -5.36
CA HIS A 119 15.07 3.90 -6.18
C HIS A 119 15.46 3.77 -7.66
N THR A 120 16.76 3.62 -7.93
CA THR A 120 17.17 3.57 -9.34
CA THR A 120 17.27 3.51 -9.30
C THR A 120 16.60 2.33 -10.03
N ARG A 121 16.59 1.19 -9.34
CA ARG A 121 16.03 -0.07 -9.89
CA ARG A 121 15.99 -0.05 -9.88
C ARG A 121 14.50 0.08 -10.23
N LEU A 122 13.75 1.00 -9.57
CA LEU A 122 12.30 1.24 -9.98
C LEU A 122 12.00 1.74 -11.38
N TYR A 123 12.99 2.38 -12.01
CA TYR A 123 12.78 3.07 -13.26
C TYR A 123 13.39 2.29 -14.43
N GLN A 124 13.77 1.06 -14.09
CA GLN A 124 14.32 0.07 -15.02
C GLN A 124 13.35 -1.10 -15.04
N PRO A 125 13.26 -1.83 -16.18
CA PRO A 125 12.46 -3.05 -16.25
C PRO A 125 12.80 -3.98 -15.08
N ALA A 126 11.78 -4.61 -14.52
CA ALA A 126 11.95 -5.62 -13.49
C ALA A 126 11.56 -6.99 -14.01
N ASN A 127 11.88 -8.01 -13.24
CA ASN A 127 11.48 -9.35 -13.52
C ASN A 127 9.92 -9.40 -13.58
N ASN A 128 9.33 -10.13 -14.53
CA ASN A 128 7.86 -10.16 -14.70
C ASN A 128 7.10 -10.64 -13.44
N GLU A 129 7.76 -11.51 -12.67
CA GLU A 129 7.18 -12.10 -11.46
CA GLU A 129 7.16 -12.10 -11.48
C GLU A 129 7.06 -11.09 -10.32
N CYS A 130 7.65 -9.90 -10.47
CA CYS A 130 7.54 -8.86 -9.42
CA CYS A 130 7.53 -8.93 -9.39
C CYS A 130 6.22 -8.11 -9.49
N TYR A 131 5.54 -8.17 -10.64
CA TYR A 131 4.34 -7.34 -10.85
C TYR A 131 3.11 -8.02 -10.35
N LEU A 132 2.67 -7.59 -9.15
CA LEU A 132 1.54 -8.22 -8.51
C LEU A 132 0.32 -8.42 -9.45
N PHE A 133 -0.07 -7.38 -10.19
CA PHE A 133 -1.25 -7.48 -11.05
C PHE A 133 -1.01 -8.33 -12.28
N ASP A 134 0.25 -8.43 -12.74
CA ASP A 134 0.55 -9.36 -13.84
CA ASP A 134 0.56 -9.36 -13.83
C ASP A 134 0.47 -10.80 -13.35
N ASN A 135 0.95 -11.06 -12.12
CA ASN A 135 0.82 -12.41 -11.52
C ASN A 135 -0.63 -12.80 -11.44
N LEU A 136 -1.48 -11.83 -11.10
CA LEU A 136 -2.90 -12.14 -11.05
C LEU A 136 -3.51 -12.29 -12.46
N ALA A 137 -3.06 -11.48 -13.41
CA ALA A 137 -3.61 -11.55 -14.80
C ALA A 137 -3.36 -12.92 -15.38
N LYS A 138 -2.17 -13.46 -15.09
CA LYS A 138 -1.72 -14.76 -15.60
CA LYS A 138 -1.74 -14.76 -15.62
C LYS A 138 -2.65 -15.87 -15.10
N LEU A 139 -3.17 -15.69 -13.88
CA LEU A 139 -4.10 -16.61 -13.22
C LEU A 139 -5.58 -16.37 -13.52
N GLY A 140 -5.87 -15.45 -14.44
CA GLY A 140 -7.25 -15.24 -14.90
C GLY A 140 -7.96 -14.09 -14.23
N PHE A 141 -7.26 -13.26 -13.46
CA PHE A 141 -7.92 -12.09 -12.89
C PHE A 141 -7.94 -10.92 -13.89
N THR A 142 -9.11 -10.43 -14.25
CA THR A 142 -9.19 -9.25 -15.09
C THR A 142 -8.60 -8.04 -14.38
N GLN A 143 -7.75 -7.31 -15.07
CA GLN A 143 -7.04 -6.15 -14.50
C GLN A 143 -7.82 -4.85 -14.75
N HIS A 144 -7.91 -3.99 -13.72
CA HIS A 144 -8.62 -2.71 -13.83
CA HIS A 144 -8.56 -2.70 -13.87
C HIS A 144 -7.78 -1.62 -13.19
N LEU A 145 -7.78 -0.45 -13.82
CA LEU A 145 -7.13 0.71 -13.29
C LEU A 145 -8.22 1.78 -13.11
N MET A 146 -8.37 2.31 -11.89
N MET A 146 -8.26 2.35 -11.89
CA MET A 146 -9.26 3.45 -11.71
CA MET A 146 -9.28 3.31 -11.48
C MET A 146 -8.62 4.45 -10.80
C MET A 146 -8.59 4.46 -10.76
N MET A 147 -9.04 5.70 -10.98
CA MET A 147 -8.51 6.79 -10.16
CA MET A 147 -8.52 6.77 -10.17
C MET A 147 -9.61 7.79 -9.91
N ASP A 148 -9.45 8.56 -8.83
CA ASP A 148 -10.39 9.65 -8.60
C ASP A 148 -9.89 10.97 -9.20
N HIS A 149 -8.90 10.85 -10.10
CA HIS A 149 -8.27 12.02 -10.73
C HIS A 149 -7.78 11.58 -12.10
N ASN A 150 -7.28 12.52 -12.90
CA ASN A 150 -6.93 12.16 -14.28
C ASN A 150 -5.50 11.69 -14.43
N GLY A 151 -4.71 11.76 -13.36
CA GLY A 151 -3.34 11.20 -13.38
C GLY A 151 -2.34 12.01 -14.22
N GLU A 152 -2.72 13.19 -14.66
CA GLU A 152 -1.82 13.95 -15.54
C GLU A 152 -0.69 14.58 -14.76
N PHE A 153 -0.99 15.09 -13.56
CA PHE A 153 0.00 15.81 -12.78
C PHE A 153 1.17 14.90 -12.49
N GLY A 154 2.39 15.43 -12.71
CA GLY A 154 3.62 14.69 -12.44
C GLY A 154 3.86 13.50 -13.33
N GLY A 155 3.09 13.38 -14.40
CA GLY A 155 3.14 12.22 -15.26
C GLY A 155 2.78 10.95 -14.48
N PHE A 156 1.91 11.10 -13.47
CA PHE A 156 1.63 9.94 -12.60
C PHE A 156 1.08 8.75 -13.37
N LEU A 157 0.08 8.97 -14.22
CA LEU A 157 -0.52 7.88 -14.97
C LEU A 157 0.54 7.24 -15.88
N LYS A 158 1.36 8.08 -16.52
CA LYS A 158 2.45 7.54 -17.36
C LYS A 158 3.40 6.66 -16.54
N GLU A 159 3.73 7.06 -15.31
CA GLU A 159 4.60 6.24 -14.44
C GLU A 159 3.98 4.90 -14.10
N VAL A 160 2.70 4.94 -13.76
CA VAL A 160 1.93 3.73 -13.42
C VAL A 160 1.94 2.74 -14.61
N ARG A 161 1.74 3.27 -15.81
CA ARG A 161 1.73 2.41 -16.99
C ARG A 161 3.11 1.87 -17.39
N GLU A 162 4.07 2.77 -17.46
CA GLU A 162 5.41 2.49 -17.98
C GLU A 162 6.33 1.74 -17.02
N ASN A 163 6.28 2.09 -15.74
CA ASN A 163 7.13 1.45 -14.74
C ASN A 163 6.38 0.49 -13.84
N GLY A 164 5.11 0.79 -13.59
CA GLY A 164 4.30 -0.10 -12.76
C GLY A 164 3.72 -1.26 -13.57
N GLY A 165 3.86 -1.17 -14.89
CA GLY A 165 3.38 -2.19 -15.83
C GLY A 165 1.88 -2.30 -15.99
N MET A 166 1.15 -1.30 -15.53
CA MET A 166 -0.30 -1.37 -15.48
C MET A 166 -0.82 -0.85 -16.83
N GLN A 167 -0.87 -1.73 -17.81
CA GLN A 167 -1.22 -1.33 -19.18
C GLN A 167 -2.71 -1.56 -19.40
N SER A 168 -3.53 -0.73 -18.75
CA SER A 168 -5.00 -0.88 -18.76
C SER A 168 -5.55 0.49 -18.91
N GLU A 169 -6.66 0.61 -19.63
CA GLU A 169 -7.28 1.92 -19.80
C GLU A 169 -7.83 2.38 -18.46
N LEU A 170 -7.77 3.68 -18.24
CA LEU A 170 -8.38 4.25 -17.05
C LEU A 170 -9.88 4.04 -17.11
N MET A 171 -10.47 3.51 -16.02
CA MET A 171 -11.92 3.27 -16.02
CA MET A 171 -11.92 3.26 -16.00
C MET A 171 -12.66 4.57 -16.24
N ASN A 172 -13.78 4.48 -16.96
CA ASN A 172 -14.58 5.66 -17.29
C ASN A 172 -14.88 6.57 -16.08
N GLN A 173 -14.61 7.86 -16.26
CA GLN A 173 -14.85 8.89 -15.27
C GLN A 173 -15.96 9.86 -15.65
N SER A 174 -16.53 9.66 -16.85
CA SER A 174 -17.66 10.53 -17.31
C SER A 174 -18.82 10.47 -16.34
N GLY A 175 -19.39 11.61 -16.00
CA GLY A 175 -20.59 11.62 -15.19
C GLY A 175 -20.36 11.55 -13.70
N LEU A 176 -19.12 11.37 -13.26
CA LEU A 176 -18.86 11.30 -11.81
C LEU A 176 -18.93 12.69 -11.17
N PRO A 177 -19.48 12.78 -9.94
CA PRO A 177 -19.49 14.06 -9.25
C PRO A 177 -18.10 14.46 -8.82
N THR A 178 -17.84 15.75 -8.82
CA THR A 178 -16.55 16.28 -8.37
C THR A 178 -16.62 16.60 -6.88
N ALA A 179 -15.68 16.07 -6.10
CA ALA A 179 -15.63 16.34 -4.67
C ALA A 179 -14.75 17.55 -4.34
N LEU A 180 -13.65 17.64 -5.07
CA LEU A 180 -12.64 18.69 -4.90
C LEU A 180 -12.04 19.13 -6.22
N LEU A 181 -11.48 20.34 -6.25
CA LEU A 181 -10.60 20.72 -7.34
C LEU A 181 -9.20 20.63 -6.88
N SER A 182 -8.36 20.04 -7.71
CA SER A 182 -7.05 19.67 -7.25
C SER A 182 -6.15 20.86 -7.27
N PHE A 183 -4.96 20.65 -6.72
CA PHE A 183 -3.91 21.65 -6.66
C PHE A 183 -3.46 22.06 -8.08
N ASP A 184 -3.73 21.20 -9.09
CA ASP A 184 -3.45 21.54 -10.51
C ASP A 184 -4.70 22.04 -11.29
N GLY A 185 -5.82 22.21 -10.59
CA GLY A 185 -7.08 22.71 -11.19
C GLY A 185 -8.03 21.63 -11.75
N SER A 186 -7.57 20.41 -11.83
CA SER A 186 -8.38 19.36 -12.41
C SER A 186 -9.23 18.69 -11.31
N PRO A 187 -10.20 17.87 -11.72
CA PRO A 187 -11.12 17.34 -10.73
C PRO A 187 -10.56 16.23 -9.87
N VAL A 188 -11.01 16.23 -8.62
CA VAL A 188 -10.91 15.03 -7.82
C VAL A 188 -12.34 14.53 -7.62
N TYR A 189 -12.66 13.39 -8.22
CA TYR A 189 -14.01 12.85 -8.17
C TYR A 189 -14.35 12.26 -6.81
N ASP A 190 -15.64 12.25 -6.49
CA ASP A 190 -16.07 11.69 -5.22
C ASP A 190 -15.71 10.20 -5.18
N ASP A 191 -15.09 9.77 -4.06
CA ASP A 191 -14.64 8.38 -3.98
C ASP A 191 -15.74 7.33 -3.84
N LEU A 192 -16.80 7.69 -3.11
CA LEU A 192 -17.92 6.76 -2.99
C LEU A 192 -18.53 6.56 -4.37
N ALA A 193 -18.60 7.63 -5.16
CA ALA A 193 -19.16 7.49 -6.52
C ALA A 193 -18.28 6.60 -7.41
N VAL A 194 -16.96 6.79 -7.33
CA VAL A 194 -16.03 5.91 -8.07
C VAL A 194 -16.20 4.44 -7.62
N LEU A 195 -16.28 4.19 -6.32
CA LEU A 195 -16.35 2.85 -5.77
C LEU A 195 -17.68 2.20 -6.12
N ASN A 196 -18.77 2.97 -6.08
CA ASN A 196 -20.06 2.38 -6.46
C ASN A 196 -20.12 2.06 -7.95
N ARG A 197 -19.49 2.89 -8.78
CA ARG A 197 -19.39 2.57 -10.21
C ARG A 197 -18.63 1.25 -10.43
N TRP A 198 -17.52 1.07 -9.70
CA TRP A 198 -16.77 -0.16 -9.71
C TRP A 198 -17.64 -1.35 -9.30
N LEU A 199 -18.44 -1.18 -8.25
CA LEU A 199 -19.23 -2.28 -7.70
C LEU A 199 -20.31 -2.71 -8.66
N THR A 200 -20.93 -1.76 -9.36
CA THR A 200 -21.92 -2.10 -10.38
CA THR A 200 -21.92 -2.08 -10.42
C THR A 200 -21.26 -2.84 -11.59
N GLY A 201 -20.07 -2.39 -12.03
CA GLY A 201 -19.33 -3.06 -13.13
C GLY A 201 -18.97 -4.51 -12.83
N GLU A 202 -18.53 -4.76 -11.57
CA GLU A 202 -18.07 -6.10 -11.11
C GLU A 202 -19.23 -7.07 -10.97
N GLU A 203 -20.30 -6.49 -10.45
CA GLU A 203 -21.50 -7.25 -10.28
CA GLU A 203 -21.56 -7.17 -10.28
C GLU A 203 -22.10 -7.60 -11.64
N ARG A 204 -21.88 -6.79 -12.70
CA ARG A 204 -22.22 -7.16 -14.12
C ARG A 204 -21.49 -8.42 -14.67
N GLU A 205 -20.39 -8.83 -14.01
CA GLU A 205 -19.41 -9.81 -14.51
C GLU A 205 -19.55 -11.23 -13.94
N ALA A 206 -20.33 -11.35 -12.86
CA ALA A 206 -20.74 -12.62 -12.22
C ALA A 206 -19.73 -13.17 -11.21
N ASN A 207 -19.35 -14.43 -11.38
CA ASN A 207 -18.27 -15.06 -10.64
C ASN A 207 -16.93 -14.78 -11.36
N SER A 208 -16.76 -13.53 -11.79
CA SER A 208 -15.49 -13.15 -12.36
C SER A 208 -14.45 -12.99 -11.27
N ARG A 209 -13.22 -13.14 -11.70
CA ARG A 209 -12.06 -12.83 -10.90
C ARG A 209 -11.52 -11.57 -11.47
N SER A 210 -11.25 -10.60 -10.60
CA SER A 210 -10.71 -9.34 -11.11
C SER A 210 -9.78 -8.75 -10.06
N ALA A 211 -8.86 -7.90 -10.50
CA ALA A 211 -7.93 -7.24 -9.58
C ALA A 211 -7.85 -5.79 -10.05
N THR A 212 -8.16 -4.86 -9.14
CA THR A 212 -8.27 -3.45 -9.47
C THR A 212 -7.29 -2.64 -8.64
N PHE A 213 -6.58 -1.74 -9.34
CA PHE A 213 -5.70 -0.75 -8.69
C PHE A 213 -6.44 0.59 -8.73
N PHE A 214 -6.68 1.18 -7.56
CA PHE A 214 -7.43 2.41 -7.43
C PHE A 214 -6.55 3.43 -6.70
N ASN A 215 -6.25 4.56 -7.36
CA ASN A 215 -5.40 5.59 -6.76
C ASN A 215 -6.22 6.84 -6.44
N LEU A 216 -6.04 7.32 -5.20
CA LEU A 216 -6.87 8.39 -4.64
C LEU A 216 -6.09 9.60 -4.27
N LEU A 217 -6.52 10.76 -4.74
CA LEU A 217 -5.80 12.01 -4.48
C LEU A 217 -6.41 13.06 -3.51
N PRO A 218 -7.55 12.79 -2.83
CA PRO A 218 -8.18 13.92 -2.13
C PRO A 218 -7.35 14.55 -1.02
N LEU A 219 -6.42 13.80 -0.43
CA LEU A 219 -5.66 14.32 0.71
C LEU A 219 -4.42 15.08 0.29
N HIS A 220 -4.18 15.18 -1.03
CA HIS A 220 -3.01 15.95 -1.49
C HIS A 220 -3.14 17.41 -1.10
N ASP A 221 -2.00 18.02 -0.75
CA ASP A 221 -2.01 19.44 -0.45
C ASP A 221 -2.57 20.27 -1.63
N GLY A 222 -3.21 21.37 -1.29
CA GLY A 222 -3.71 22.31 -2.26
C GLY A 222 -5.06 22.02 -2.88
N ASN A 223 -5.70 20.92 -2.49
CA ASN A 223 -7.04 20.61 -2.97
C ASN A 223 -8.06 21.49 -2.26
N HIS A 224 -9.09 21.91 -2.97
CA HIS A 224 -10.10 22.77 -2.37
C HIS A 224 -11.49 22.38 -2.84
N PHE A 225 -12.51 22.69 -2.03
CA PHE A 225 -13.88 22.52 -2.52
C PHE A 225 -14.11 23.46 -3.71
N PRO A 226 -14.92 23.04 -4.69
CA PRO A 226 -15.08 23.92 -5.86
C PRO A 226 -15.55 25.32 -5.48
N GLY A 227 -14.88 26.31 -6.03
CA GLY A 227 -15.23 27.70 -5.72
C GLY A 227 -14.68 28.26 -4.44
N VAL A 228 -14.08 27.41 -3.60
CA VAL A 228 -13.59 27.88 -2.30
C VAL A 228 -12.12 28.23 -2.43
N SER A 229 -11.79 29.41 -1.93
CA SER A 229 -10.44 29.94 -1.99
CA SER A 229 -10.43 29.96 -1.98
C SER A 229 -9.39 29.15 -1.20
N LYS A 230 -9.66 28.94 0.09
CA LYS A 230 -8.75 28.20 0.97
C LYS A 230 -8.66 26.70 0.56
N THR A 231 -7.47 26.11 0.70
CA THR A 231 -7.26 24.64 0.70
C THR A 231 -8.21 24.09 1.78
N ALA A 232 -8.94 23.02 1.43
CA ALA A 232 -9.86 22.41 2.40
C ALA A 232 -9.05 21.84 3.55
N ASP A 233 -9.55 21.96 4.77
CA ASP A 233 -8.79 21.43 5.90
CA ASP A 233 -8.78 21.42 5.91
C ASP A 233 -8.51 19.93 5.72
N TYR A 234 -7.30 19.52 6.05
CA TYR A 234 -6.96 18.10 5.93
C TYR A 234 -7.90 17.20 6.75
N LYS A 235 -8.23 17.61 7.97
CA LYS A 235 -9.08 16.82 8.86
CA LYS A 235 -9.03 16.71 8.79
C LYS A 235 -10.44 16.59 8.22
N ILE A 236 -10.96 17.64 7.56
CA ILE A 236 -12.24 17.56 6.89
C ILE A 236 -12.18 16.58 5.72
N ARG A 237 -11.14 16.70 4.91
CA ARG A 237 -11.01 15.80 3.76
C ARG A 237 -10.80 14.35 4.20
N ALA A 238 -10.02 14.17 5.26
CA ALA A 238 -9.71 12.78 5.70
C ALA A 238 -10.97 12.18 6.34
N GLN A 239 -11.70 12.96 7.14
CA GLN A 239 -12.98 12.46 7.66
C GLN A 239 -13.94 12.09 6.54
N LYS A 240 -14.06 12.97 5.53
CA LYS A 240 -14.93 12.68 4.37
C LYS A 240 -14.52 11.37 3.71
N LEU A 241 -13.21 11.21 3.46
CA LEU A 241 -12.71 10.00 2.83
C LEU A 241 -13.01 8.76 3.66
N PHE A 242 -12.74 8.85 4.96
CA PHE A 242 -12.93 7.69 5.80
C PHE A 242 -14.40 7.32 5.93
N ASP A 243 -15.26 8.35 5.99
CA ASP A 243 -16.70 8.10 6.02
C ASP A 243 -17.17 7.45 4.73
N GLU A 244 -16.60 7.86 3.59
CA GLU A 244 -16.98 7.28 2.35
C GLU A 244 -16.46 5.86 2.20
N LEU A 245 -15.22 5.60 2.64
CA LEU A 245 -14.72 4.22 2.59
C LEU A 245 -15.56 3.33 3.49
N ASP A 246 -15.90 3.81 4.69
CA ASP A 246 -16.69 2.99 5.59
CA ASP A 246 -16.70 3.04 5.61
C ASP A 246 -18.09 2.74 5.05
N ALA A 247 -18.67 3.74 4.38
CA ALA A 247 -19.98 3.58 3.73
C ALA A 247 -19.86 2.53 2.62
N PHE A 248 -18.77 2.58 1.88
CA PHE A 248 -18.57 1.58 0.87
C PHE A 248 -18.38 0.18 1.41
N PHE A 249 -17.68 0.05 2.54
CA PHE A 249 -17.48 -1.27 3.17
C PHE A 249 -18.87 -1.85 3.48
N THR A 250 -19.76 -1.01 3.99
CA THR A 250 -21.17 -1.44 4.22
C THR A 250 -21.88 -1.89 2.94
N GLU A 251 -21.69 -1.16 1.85
CA GLU A 251 -22.24 -1.55 0.56
C GLU A 251 -21.66 -2.89 0.13
N LEU A 252 -20.36 -3.09 0.38
CA LEU A 252 -19.75 -4.36 -0.01
C LEU A 252 -20.29 -5.53 0.79
N GLU A 253 -20.49 -5.33 2.09
CA GLU A 253 -21.11 -6.36 2.94
C GLU A 253 -22.50 -6.70 2.40
N LYS A 254 -23.30 -5.67 2.07
CA LYS A 254 -24.66 -5.92 1.57
C LYS A 254 -24.68 -6.68 0.23
N SER A 255 -23.64 -6.52 -0.57
CA SER A 255 -23.58 -7.12 -1.91
C SER A 255 -23.43 -8.66 -1.87
N GLY A 256 -22.90 -9.17 -0.75
CA GLY A 256 -22.49 -10.58 -0.56
C GLY A 256 -21.36 -11.04 -1.48
N ARG A 257 -20.74 -10.14 -2.23
CA ARG A 257 -19.64 -10.51 -3.12
C ARG A 257 -18.40 -10.88 -2.30
N LYS A 258 -17.62 -11.83 -2.85
CA LYS A 258 -16.31 -12.15 -2.26
C LYS A 258 -15.27 -11.13 -2.73
N VAL A 259 -14.74 -10.34 -1.80
CA VAL A 259 -13.85 -9.26 -2.16
C VAL A 259 -12.77 -9.19 -1.11
N MET A 260 -11.54 -9.07 -1.56
CA MET A 260 -10.41 -8.76 -0.71
C MET A 260 -10.07 -7.28 -0.92
N VAL A 261 -10.16 -6.48 0.12
CA VAL A 261 -9.87 -5.04 0.00
C VAL A 261 -8.55 -4.78 0.72
N VAL A 262 -7.60 -4.16 0.02
CA VAL A 262 -6.33 -3.74 0.65
C VAL A 262 -6.28 -2.22 0.61
N VAL A 263 -6.08 -1.58 1.77
CA VAL A 263 -5.91 -0.12 1.80
C VAL A 263 -4.45 0.11 2.10
N VAL A 264 -3.74 0.81 1.22
CA VAL A 264 -2.26 1.01 1.35
CA VAL A 264 -2.32 1.06 1.43
C VAL A 264 -1.95 2.44 0.91
N PRO A 265 -1.62 3.33 1.84
CA PRO A 265 -1.25 4.68 1.43
C PRO A 265 0.08 4.73 0.71
N GLU A 266 0.25 5.73 -0.13
CA GLU A 266 1.51 5.92 -0.85
C GLU A 266 2.63 6.42 0.07
N HIS A 267 2.27 7.33 0.98
CA HIS A 267 3.19 8.15 1.79
C HIS A 267 2.32 9.17 2.51
N GLY A 268 2.87 9.78 3.54
CA GLY A 268 2.12 10.77 4.27
C GLY A 268 2.09 12.12 3.59
N GLY A 269 1.25 12.99 4.12
CA GLY A 269 1.11 14.35 3.58
C GLY A 269 1.92 15.39 4.32
N ALA A 270 2.74 14.95 5.27
CA ALA A 270 3.60 15.82 6.08
C ALA A 270 2.74 16.87 6.79
N LEU A 271 1.58 16.47 7.32
CA LEU A 271 0.70 17.44 8.02
C LEU A 271 1.42 18.09 9.20
N LYS A 272 2.06 17.27 10.02
CA LYS A 272 2.84 17.79 11.15
C LYS A 272 4.29 17.86 10.71
N GLY A 273 4.79 19.09 10.58
CA GLY A 273 6.22 19.30 10.25
C GLY A 273 7.18 18.92 11.37
N ASP A 274 8.47 18.96 11.05
CA ASP A 274 9.48 18.66 12.04
C ASP A 274 10.66 19.61 11.86
N ARG A 275 11.81 19.34 12.49
CA ARG A 275 12.91 20.31 12.44
C ARG A 275 13.40 20.57 11.03
N MET A 276 13.63 19.49 10.29
CA MET A 276 14.16 19.62 8.93
C MET A 276 13.12 20.04 7.91
N GLN A 277 11.87 19.63 8.07
CA GLN A 277 10.88 19.80 7.01
C GLN A 277 9.62 20.42 7.54
N ILE A 278 9.38 21.66 7.13
CA ILE A 278 8.21 22.40 7.56
C ILE A 278 6.96 21.67 7.02
N SER A 279 5.81 21.87 7.68
CA SER A 279 4.58 21.20 7.30
C SER A 279 4.35 21.28 5.78
N GLY A 280 4.04 20.12 5.19
CA GLY A 280 3.79 19.98 3.77
C GLY A 280 5.00 19.62 2.93
N LEU A 281 6.21 19.85 3.42
CA LEU A 281 7.43 19.45 2.66
C LEU A 281 7.77 18.02 2.98
N ARG A 282 8.08 17.25 1.95
CA ARG A 282 8.32 15.80 2.15
C ARG A 282 9.38 15.31 1.16
N ASP A 283 10.40 16.12 0.93
CA ASP A 283 11.49 15.69 0.02
C ASP A 283 12.39 14.66 0.65
N ILE A 284 12.41 14.63 1.98
CA ILE A 284 13.14 13.57 2.70
C ILE A 284 12.13 12.58 3.26
N PRO A 285 12.28 11.28 2.94
CA PRO A 285 11.23 10.32 3.32
C PRO A 285 11.42 9.86 4.75
N SER A 286 11.08 10.74 5.69
CA SER A 286 11.24 10.48 7.12
C SER A 286 10.32 9.37 7.63
N PRO A 287 10.62 8.80 8.81
CA PRO A 287 9.75 7.77 9.39
C PRO A 287 8.34 8.28 9.56
N SER A 288 8.19 9.53 9.95
CA SER A 288 6.85 10.10 10.19
C SER A 288 6.05 10.12 8.88
N ILE A 289 6.74 10.44 7.79
CA ILE A 289 6.06 10.47 6.46
C ILE A 289 5.78 9.06 5.90
N THR A 290 6.63 8.09 6.21
CA THR A 290 6.53 6.79 5.50
C THR A 290 5.86 5.68 6.32
N ASN A 291 5.59 5.91 7.61
CA ASN A 291 4.88 4.88 8.42
C ASN A 291 3.38 5.07 8.19
N VAL A 292 2.77 4.19 7.40
CA VAL A 292 1.40 4.45 6.88
C VAL A 292 0.44 3.38 7.35
N PRO A 293 -0.83 3.76 7.52
CA PRO A 293 -1.86 2.76 7.94
C PRO A 293 -2.31 1.90 6.78
N ALA A 294 -1.79 0.69 6.70
CA ALA A 294 -2.25 -0.29 5.72
C ALA A 294 -3.18 -1.30 6.39
N GLY A 295 -4.23 -1.69 5.69
CA GLY A 295 -5.23 -2.58 6.26
C GLY A 295 -5.77 -3.51 5.21
N VAL A 296 -6.28 -4.65 5.64
CA VAL A 296 -6.90 -5.63 4.75
C VAL A 296 -8.23 -6.01 5.31
N LYS A 297 -9.25 -6.15 4.45
CA LYS A 297 -10.58 -6.57 4.90
CA LYS A 297 -10.56 -6.59 4.90
C LYS A 297 -11.15 -7.51 3.85
N PHE A 298 -11.64 -8.66 4.32
CA PHE A 298 -12.28 -9.65 3.42
C PHE A 298 -13.79 -9.55 3.55
N PHE A 299 -14.47 -9.54 2.42
CA PHE A 299 -15.92 -9.51 2.37
C PHE A 299 -16.40 -10.79 1.76
N GLY A 300 -17.57 -11.23 2.22
CA GLY A 300 -18.26 -12.35 1.59
C GLY A 300 -17.75 -13.71 2.05
N MET A 301 -17.01 -13.74 3.15
CA MET A 301 -16.49 -15.00 3.66
CA MET A 301 -16.47 -14.96 3.76
C MET A 301 -17.62 -15.79 4.31
N LYS A 302 -17.50 -17.12 4.25
CA LYS A 302 -18.49 -17.99 4.93
C LYS A 302 -18.32 -17.80 6.41
N ALA A 303 -17.05 -17.64 6.83
CA ALA A 303 -16.66 -17.46 8.20
C ALA A 303 -15.86 -16.15 8.41
N PRO A 304 -16.55 -15.00 8.36
CA PRO A 304 -15.82 -13.70 8.51
C PRO A 304 -15.07 -13.53 9.84
N HIS A 305 -13.99 -12.74 9.85
CA HIS A 305 -13.28 -12.41 11.09
C HIS A 305 -14.20 -11.58 12.01
N GLU A 306 -14.21 -11.94 13.30
CA GLU A 306 -14.94 -11.17 14.33
C GLU A 306 -14.04 -10.40 15.26
N GLY A 307 -14.58 -9.29 15.76
CA GLY A 307 -13.88 -8.47 16.68
C GLY A 307 -12.92 -7.51 16.03
N ALA A 308 -12.01 -7.01 16.86
CA ALA A 308 -11.11 -5.96 16.49
C ALA A 308 -10.13 -6.50 15.45
N PRO A 309 -9.57 -5.61 14.62
CA PRO A 309 -8.56 -6.06 13.64
C PRO A 309 -7.39 -6.80 14.29
N ILE A 310 -6.80 -7.75 13.55
CA ILE A 310 -5.54 -8.38 13.97
C ILE A 310 -4.42 -7.37 13.65
N ASP A 311 -3.74 -6.86 14.67
CA ASP A 311 -2.58 -5.96 14.41
C ASP A 311 -1.38 -6.74 13.93
N ILE A 312 -0.72 -6.20 12.90
CA ILE A 312 0.58 -6.71 12.50
C ILE A 312 1.57 -5.66 12.96
N ASN A 313 2.34 -6.01 13.98
CA ASN A 313 3.27 -5.04 14.58
C ASN A 313 4.68 -5.07 14.06
N GLN A 314 5.07 -6.17 13.43
CA GLN A 314 6.45 -6.27 12.95
CA GLN A 314 6.44 -6.31 12.91
C GLN A 314 6.66 -5.36 11.74
N PRO A 315 7.93 -4.91 11.53
CA PRO A 315 8.20 -4.03 10.38
C PRO A 315 7.81 -4.71 9.08
N SER A 316 6.99 -4.02 8.26
CA SER A 316 6.41 -4.63 7.09
C SER A 316 6.44 -3.66 5.92
N SER A 317 6.25 -4.18 4.73
CA SER A 317 6.07 -3.31 3.55
C SER A 317 5.32 -4.11 2.48
N TYR A 318 5.43 -3.68 1.21
CA TYR A 318 4.62 -4.25 0.13
C TYR A 318 4.69 -5.76 -0.01
N LEU A 319 5.84 -6.36 0.32
CA LEU A 319 5.95 -7.83 0.13
C LEU A 319 4.93 -8.57 1.00
N ALA A 320 4.62 -8.03 2.19
CA ALA A 320 3.60 -8.65 3.06
C ALA A 320 2.18 -8.58 2.45
N ILE A 321 1.88 -7.51 1.69
CA ILE A 321 0.62 -7.45 0.94
CA ILE A 321 0.63 -7.42 0.94
C ILE A 321 0.57 -8.53 -0.13
N SER A 322 1.67 -8.67 -0.88
CA SER A 322 1.72 -9.68 -1.90
C SER A 322 1.57 -11.07 -1.27
N GLU A 323 2.20 -11.29 -0.11
CA GLU A 323 2.04 -12.59 0.53
C GLU A 323 0.60 -12.88 0.95
N LEU A 324 -0.11 -11.88 1.47
CA LEU A 324 -1.52 -12.07 1.78
C LEU A 324 -2.35 -12.39 0.55
N VAL A 325 -2.07 -11.72 -0.57
CA VAL A 325 -2.74 -12.02 -1.83
C VAL A 325 -2.48 -13.47 -2.26
N VAL A 326 -1.24 -13.96 -2.19
CA VAL A 326 -1.01 -15.36 -2.59
CA VAL A 326 -0.99 -15.35 -2.59
C VAL A 326 -1.75 -16.31 -1.67
N ARG A 327 -1.80 -15.99 -0.37
CA ARG A 327 -2.53 -16.85 0.58
C ARG A 327 -4.00 -16.92 0.26
N ALA A 328 -4.52 -15.87 -0.35
CA ALA A 328 -5.94 -15.80 -0.74
C ALA A 328 -6.23 -16.21 -2.17
N VAL A 329 -5.20 -16.41 -3.00
CA VAL A 329 -5.43 -16.39 -4.45
C VAL A 329 -6.34 -17.49 -5.00
N ASP A 330 -6.33 -18.65 -4.35
CA ASP A 330 -7.24 -19.71 -4.77
C ASP A 330 -8.68 -19.52 -4.33
N GLY A 331 -8.92 -18.46 -3.55
CA GLY A 331 -10.28 -18.07 -3.12
C GLY A 331 -10.86 -18.96 -2.02
N LYS A 332 -10.12 -19.99 -1.60
CA LYS A 332 -10.68 -21.01 -0.68
C LYS A 332 -10.94 -20.47 0.70
N LEU A 333 -10.18 -19.47 1.14
CA LEU A 333 -10.50 -18.94 2.47
C LEU A 333 -11.93 -18.39 2.54
N PHE A 334 -12.51 -17.98 1.41
CA PHE A 334 -13.86 -17.41 1.40
C PHE A 334 -14.96 -18.43 1.66
N THR A 335 -14.64 -19.71 1.49
CA THR A 335 -15.67 -20.73 1.61
C THR A 335 -15.37 -21.75 2.70
N GLU A 336 -14.27 -21.58 3.42
CA GLU A 336 -13.95 -22.41 4.59
C GLU A 336 -14.98 -22.22 5.67
N ASP A 337 -15.46 -23.32 6.28
CA ASP A 337 -16.31 -23.22 7.48
C ASP A 337 -15.65 -22.48 8.64
N SER A 338 -14.34 -22.65 8.78
CA SER A 338 -13.61 -22.02 9.86
C SER A 338 -12.24 -21.65 9.31
N VAL A 339 -11.87 -20.38 9.52
CA VAL A 339 -10.55 -19.91 9.07
C VAL A 339 -9.57 -19.82 10.23
N ASN A 340 -8.35 -20.28 10.00
CA ASN A 340 -7.30 -20.13 10.98
C ASN A 340 -6.64 -18.77 10.77
N TRP A 341 -7.24 -17.77 11.40
CA TRP A 341 -6.79 -16.37 11.28
C TRP A 341 -5.37 -16.15 11.77
N ASN A 342 -4.96 -16.89 12.81
CA ASN A 342 -3.56 -16.89 13.26
CA ASN A 342 -3.57 -16.78 13.28
C ASN A 342 -2.57 -17.27 12.21
N LYS A 343 -2.82 -18.42 11.58
CA LYS A 343 -1.94 -18.93 10.54
C LYS A 343 -1.94 -17.97 9.35
N LEU A 344 -3.11 -17.45 9.00
CA LEU A 344 -3.21 -16.54 7.83
C LEU A 344 -2.40 -15.26 8.04
N THR A 345 -2.28 -14.83 9.28
CA THR A 345 -1.58 -13.57 9.59
C THR A 345 -0.20 -13.76 10.23
N SER A 346 0.26 -15.01 10.29
CA SER A 346 1.56 -15.31 10.90
C SER A 346 2.61 -15.61 9.83
N ASN A 347 3.87 -15.40 10.21
CA ASN A 347 5.01 -15.66 9.31
C ASN A 347 4.94 -14.84 8.03
N LEU A 348 4.35 -13.65 8.11
CA LEU A 348 4.39 -12.72 6.98
C LEU A 348 5.80 -12.18 6.84
N PRO A 349 6.18 -11.85 5.61
CA PRO A 349 7.51 -11.29 5.43
C PRO A 349 7.66 -9.98 6.18
N GLN A 350 8.78 -9.87 6.90
CA GLN A 350 9.15 -8.59 7.55
C GLN A 350 10.15 -7.87 6.66
N THR A 351 10.09 -6.55 6.68
CA THR A 351 10.95 -5.72 5.82
C THR A 351 11.40 -4.52 6.66
N ALA A 352 12.72 -4.27 6.63
CA ALA A 352 13.26 -3.14 7.39
C ALA A 352 12.72 -1.86 6.79
N PRO A 353 12.52 -0.83 7.64
CA PRO A 353 11.98 0.46 7.17
C PRO A 353 13.04 1.30 6.49
N VAL A 354 13.31 0.96 5.26
CA VAL A 354 14.23 1.74 4.39
C VAL A 354 13.36 2.52 3.41
N SER A 355 13.63 3.84 3.27
CA SER A 355 12.84 4.63 2.31
C SER A 355 13.75 5.47 1.46
N GLU A 356 13.35 5.66 0.22
CA GLU A 356 14.17 6.44 -0.72
C GLU A 356 13.37 7.27 -1.66
N ASN A 357 13.97 8.40 -2.05
CA ASN A 357 13.62 9.11 -3.29
CA ASN A 357 13.64 8.98 -3.36
C ASN A 357 14.95 9.13 -4.11
N ALA A 358 14.95 9.78 -5.27
CA ALA A 358 16.18 9.80 -6.07
C ALA A 358 17.38 10.28 -5.31
N ASN A 359 17.16 11.28 -4.45
CA ASN A 359 18.29 11.96 -3.80
C ASN A 359 18.64 11.56 -2.38
N ALA A 360 17.81 10.72 -1.76
CA ALA A 360 17.98 10.49 -0.35
C ALA A 360 17.51 9.10 0.02
N VAL A 361 18.24 8.53 0.98
CA VAL A 361 17.83 7.27 1.62
C VAL A 361 17.68 7.54 3.11
N VAL A 362 16.62 6.97 3.71
CA VAL A 362 16.42 7.03 5.16
C VAL A 362 16.32 5.61 5.68
N ILE A 363 17.05 5.34 6.77
CA ILE A 363 17.00 4.04 7.47
C ILE A 363 16.83 4.23 8.97
N GLN A 364 16.44 3.16 9.65
CA GLN A 364 16.53 3.09 11.11
C GLN A 364 17.67 2.16 11.44
N TYR A 365 18.55 2.61 12.32
CA TYR A 365 19.71 1.80 12.66
C TYR A 365 19.87 1.90 14.17
N GLN A 366 19.81 0.73 14.81
CA GLN A 366 19.80 0.61 16.27
C GLN A 366 18.78 1.57 16.87
N GLY A 367 17.62 1.57 16.22
CA GLY A 367 16.43 2.30 16.66
C GLY A 367 16.43 3.80 16.48
N LYS A 368 17.37 4.32 15.69
CA LYS A 368 17.44 5.76 15.44
C LYS A 368 17.46 6.02 13.93
N PRO A 369 16.82 7.11 13.47
CA PRO A 369 16.78 7.36 12.03
C PRO A 369 18.02 8.11 11.49
N TYR A 370 18.50 7.71 10.32
CA TYR A 370 19.62 8.37 9.64
C TYR A 370 19.23 8.66 8.23
N VAL A 371 19.81 9.72 7.67
CA VAL A 371 19.60 10.07 6.29
C VAL A 371 20.91 10.15 5.51
N ARG A 372 20.89 9.67 4.28
CA ARG A 372 22.07 9.77 3.38
C ARG A 372 21.65 10.56 2.17
N LEU A 373 22.32 11.70 1.97
CA LEU A 373 21.99 12.52 0.82
C LEU A 373 22.97 12.23 -0.31
N ASN A 374 22.43 11.80 -1.44
CA ASN A 374 23.19 11.55 -2.67
C ASN A 374 24.40 10.66 -2.51
N GLY A 375 24.27 9.62 -1.69
CA GLY A 375 25.34 8.67 -1.48
C GLY A 375 26.47 9.16 -0.61
N GLY A 376 26.30 10.31 0.04
CA GLY A 376 27.34 10.84 0.94
C GLY A 376 27.37 10.20 2.30
N ASP A 377 27.85 10.95 3.30
CA ASP A 377 27.94 10.43 4.65
CA ASP A 377 27.94 10.46 4.67
C ASP A 377 26.56 10.42 5.30
N TRP A 378 26.28 9.37 6.05
CA TRP A 378 25.04 9.31 6.83
C TRP A 378 25.08 10.37 7.92
N VAL A 379 23.93 11.00 8.16
CA VAL A 379 23.78 11.90 9.34
C VAL A 379 22.50 11.55 10.04
N PRO A 380 22.42 11.73 11.36
CA PRO A 380 21.14 11.46 12.04
C PRO A 380 20.05 12.35 11.43
N TYR A 381 18.87 11.78 11.24
CA TYR A 381 17.74 12.59 10.85
C TYR A 381 17.29 13.37 12.11
N PRO A 382 17.10 14.72 12.00
CA PRO A 382 16.96 15.51 13.25
C PRO A 382 15.65 15.35 14.00
N GLN A 383 14.65 14.71 13.35
CA GLN A 383 13.31 14.47 13.92
C GLN A 383 12.63 15.77 14.31
ZN ZN B . 1.08 11.00 -3.29
CAC FLC C . 3.72 16.69 -5.67
CA FLC C . 4.93 16.22 -6.42
CB FLC C . 5.68 15.10 -5.71
CBC FLC C . 4.94 13.79 -5.85
CG FLC C . 7.08 14.91 -6.32
CGC FLC C . 8.03 16.07 -6.10
OA1 FLC C . 2.90 15.83 -5.27
OA2 FLC C . 3.59 17.92 -5.53
OB1 FLC C . 4.68 13.43 -7.03
OB2 FLC C . 4.64 13.09 -4.84
OG1 FLC C . 7.81 16.87 -5.17
OG2 FLC C . 8.99 16.18 -6.87
OHB FLC C . 5.81 15.42 -4.32
CAC FLC D . -10.43 -14.85 16.12
CA FLC D . -9.07 -15.22 16.65
CB FLC D . -7.98 -14.20 16.30
CBC FLC D . -8.18 -12.92 17.09
CG FLC D . -6.66 -14.91 16.59
CGC FLC D . -5.49 -14.01 16.85
OA1 FLC D . -10.93 -15.44 15.12
OA2 FLC D . -11.00 -13.93 16.73
OB1 FLC D . -8.47 -11.91 16.42
OB2 FLC D . -8.04 -12.90 18.34
OG1 FLC D . -5.27 -13.09 16.04
OG2 FLC D . -4.80 -14.26 17.87
OHB FLC D . -8.04 -13.84 14.92
#